data_6DKW
#
_entry.id   6DKW
#
_cell.length_a   93.980
_cell.length_b   93.980
_cell.length_c   159.270
_cell.angle_alpha   90.00
_cell.angle_beta   90.00
_cell.angle_gamma   120.00
#
_symmetry.space_group_name_H-M   'P 32 2 1'
#
loop_
_entity.id
_entity.type
_entity.pdbx_description
1 polymer 'Tyrosine-protein kinase receptor'
2 non-polymer 5-(1-methyl-1H-imidazol-4-yl)-2-[(1-{[4-(trifluoromethoxy)phenyl]acetyl}piperidin-4-yl)oxy]benzamide
3 water water
#
_entity_poly.entity_id   1
_entity_poly.type   'polypeptide(L)'
_entity_poly.pdbx_seq_one_letter_code
;MHHHHHHLVPRGSVHHIKRRDIVLKWELGEGAFGKVFLAECHNLLPEQDKMLVAVKALKEASESARQDFQREAELLTMLQ
HQHIVRFFGVCTEGRPLLMVFEYMRHGDLNRFLRSHGPDAKLLAGGEDVAPGPLGLGQLLAVASQVAAGMVYLAGLHFVH
RDLATRNCLVGQGLVVKIGDFGMSRDIYSTDYYRVGGRTMLPIRWMPPESILYRKFTTESDVWSFGVVLWEIFTYGKQPW
YQLSNTEAIDCITQGRELERPRACPPEVYAIMRGCWQREPQQRHSIKDVHARLQALAQAPPVYLDVLG
;
_entity_poly.pdbx_strand_id   A,B
#
# COMPACT_ATOMS: atom_id res chain seq x y z
N MET A 1 -3.56 15.64 -20.70
CA MET A 1 -2.72 14.46 -20.52
C MET A 1 -1.24 14.79 -20.81
N HIS A 2 -0.61 14.13 -21.81
CA HIS A 2 0.79 14.35 -22.18
C HIS A 2 0.97 15.66 -22.98
N HIS A 3 0.63 16.77 -22.29
CA HIS A 3 0.76 18.15 -22.75
C HIS A 3 2.20 18.55 -22.40
N HIS A 4 2.87 17.71 -21.57
CA HIS A 4 4.26 17.83 -21.14
C HIS A 4 5.22 17.16 -22.14
N HIS A 5 4.66 16.50 -23.20
CA HIS A 5 5.37 15.83 -24.29
C HIS A 5 4.96 16.42 -25.65
N HIS A 6 4.30 17.59 -25.61
CA HIS A 6 3.79 18.38 -26.75
C HIS A 6 4.91 18.78 -27.69
N HIS A 7 6.07 19.18 -27.12
CA HIS A 7 7.27 19.63 -27.85
C HIS A 7 7.98 18.53 -28.65
N LEU A 8 7.70 17.25 -28.33
CA LEU A 8 8.32 16.10 -28.97
C LEU A 8 7.62 15.74 -30.29
N VAL A 9 8.40 15.60 -31.38
CA VAL A 9 7.78 15.25 -32.67
C VAL A 9 8.38 13.95 -33.27
N PRO A 10 7.55 12.86 -33.33
CA PRO A 10 8.04 11.60 -33.93
C PRO A 10 8.11 11.67 -35.45
N ARG A 11 9.26 11.27 -36.03
CA ARG A 11 9.53 11.27 -37.47
C ARG A 11 9.05 9.99 -38.18
N GLY A 12 8.91 8.89 -37.42
CA GLY A 12 8.51 7.59 -37.95
C GLY A 12 7.09 7.20 -37.69
N SER A 13 6.52 6.38 -38.59
CA SER A 13 5.14 5.89 -38.52
C SER A 13 4.97 4.77 -37.52
N VAL A 14 3.78 4.68 -36.88
CA VAL A 14 3.36 3.65 -35.92
C VAL A 14 3.14 2.35 -36.66
N HIS A 15 3.72 1.26 -36.17
CA HIS A 15 3.58 -0.07 -36.77
C HIS A 15 2.24 -0.69 -36.41
N HIS A 16 1.51 -1.19 -37.41
CA HIS A 16 0.24 -1.84 -37.15
C HIS A 16 0.37 -3.35 -37.25
N ILE A 17 -0.12 -4.06 -36.22
CA ILE A 17 -0.08 -5.51 -36.10
C ILE A 17 -1.48 -6.03 -36.37
N LYS A 18 -1.59 -7.19 -37.04
CA LYS A 18 -2.89 -7.81 -37.34
C LYS A 18 -3.34 -8.62 -36.15
N ARG A 19 -4.65 -8.59 -35.84
CA ARG A 19 -5.27 -9.31 -34.72
C ARG A 19 -4.88 -10.78 -34.64
N ARG A 20 -4.96 -11.47 -35.78
CA ARG A 20 -4.68 -12.90 -36.00
C ARG A 20 -3.30 -13.26 -35.46
N ASP A 21 -2.31 -12.40 -35.71
CA ASP A 21 -0.94 -12.55 -35.29
C ASP A 21 -0.72 -12.51 -33.76
N ILE A 22 -1.73 -12.07 -32.99
CA ILE A 22 -1.68 -11.96 -31.54
C ILE A 22 -2.52 -13.05 -30.90
N VAL A 23 -1.85 -13.96 -30.15
CA VAL A 23 -2.50 -15.07 -29.45
C VAL A 23 -2.24 -14.91 -27.93
N LEU A 24 -3.22 -14.34 -27.22
CA LEU A 24 -3.14 -14.10 -25.77
C LEU A 24 -3.13 -15.43 -25.05
N LYS A 25 -2.19 -15.59 -24.10
CA LYS A 25 -2.01 -16.80 -23.31
C LYS A 25 -2.70 -16.68 -21.96
N TRP A 26 -2.28 -15.71 -21.13
CA TRP A 26 -2.83 -15.38 -19.82
C TRP A 26 -2.20 -14.07 -19.27
N GLU A 27 -2.94 -13.37 -18.40
CA GLU A 27 -2.60 -12.06 -17.85
C GLU A 27 -1.28 -12.04 -17.06
N LEU A 28 -0.58 -10.92 -17.17
CA LEU A 28 0.69 -10.64 -16.51
C LEU A 28 0.43 -9.78 -15.29
N GLY A 29 0.14 -10.46 -14.19
CA GLY A 29 -0.18 -9.87 -12.91
C GLY A 29 -1.63 -9.48 -12.71
N GLU A 30 -1.86 -8.16 -12.50
CA GLU A 30 -3.15 -7.54 -12.15
C GLU A 30 -3.18 -6.15 -12.79
N GLY A 31 -3.18 -6.13 -14.13
CA GLY A 31 -3.20 -4.90 -14.90
C GLY A 31 -4.33 -3.97 -14.47
N ALA A 32 -3.96 -2.71 -14.19
CA ALA A 32 -4.91 -1.65 -13.85
C ALA A 32 -5.29 -1.07 -15.16
N PHE A 33 -6.49 -0.46 -15.25
CA PHE A 33 -6.97 0.07 -16.53
C PHE A 33 -7.03 -1.23 -17.40
N GLY A 34 -6.07 -1.35 -18.36
CA GLY A 34 -5.94 -2.34 -19.42
C GLY A 34 -6.03 -3.80 -19.12
N LYS A 35 -5.12 -4.15 -18.25
CA LYS A 35 -4.65 -5.46 -17.86
C LYS A 35 -3.65 -5.80 -18.94
N VAL A 36 -2.60 -6.50 -18.54
CA VAL A 36 -1.54 -6.81 -19.47
C VAL A 36 -1.55 -8.30 -19.64
N PHE A 37 -1.52 -8.76 -20.90
CA PHE A 37 -1.48 -10.19 -21.20
C PHE A 37 -0.17 -10.58 -21.77
N LEU A 38 0.21 -11.85 -21.55
CA LEU A 38 1.38 -12.41 -22.21
C LEU A 38 0.83 -13.01 -23.51
N ALA A 39 1.44 -12.63 -24.64
CA ALA A 39 0.96 -13.15 -25.92
C ALA A 39 2.04 -13.56 -26.86
N GLU A 40 1.66 -14.47 -27.79
CA GLU A 40 2.50 -14.99 -28.87
C GLU A 40 2.27 -14.08 -30.08
N CYS A 41 3.32 -13.41 -30.58
CA CYS A 41 3.19 -12.54 -31.75
C CYS A 41 3.82 -13.13 -33.00
N HIS A 42 2.97 -13.32 -34.00
CA HIS A 42 3.30 -13.89 -35.29
C HIS A 42 3.67 -12.83 -36.33
N ASN A 43 4.77 -13.09 -37.04
CA ASN A 43 5.31 -12.28 -38.13
C ASN A 43 5.71 -10.86 -37.73
N LEU A 44 6.04 -10.65 -36.45
CA LEU A 44 6.50 -9.35 -35.98
C LEU A 44 8.00 -9.25 -36.27
N LEU A 45 8.76 -10.26 -35.85
CA LEU A 45 10.18 -10.28 -36.15
C LEU A 45 10.51 -11.47 -37.08
N PRO A 46 11.38 -11.24 -38.12
CA PRO A 46 11.62 -12.28 -39.13
C PRO A 46 12.33 -13.53 -38.62
N GLU A 47 13.30 -13.31 -37.74
CA GLU A 47 14.10 -14.33 -37.10
C GLU A 47 13.29 -15.25 -36.18
N GLN A 48 12.27 -14.72 -35.48
CA GLN A 48 11.43 -15.47 -34.54
C GLN A 48 9.97 -15.52 -34.98
N ASP A 49 9.58 -16.64 -35.61
CA ASP A 49 8.25 -16.90 -36.19
C ASP A 49 7.10 -16.57 -35.24
N LYS A 50 7.20 -17.01 -33.97
CA LYS A 50 6.22 -16.73 -32.93
C LYS A 50 6.95 -16.31 -31.67
N MET A 51 7.05 -14.99 -31.42
CA MET A 51 7.79 -14.46 -30.28
C MET A 51 6.84 -14.02 -29.13
N LEU A 52 7.42 -13.78 -27.94
CA LEU A 52 6.65 -13.41 -26.76
C LEU A 52 6.63 -11.92 -26.53
N VAL A 53 5.42 -11.42 -26.30
CA VAL A 53 5.16 -9.99 -26.08
C VAL A 53 4.18 -9.76 -24.92
N ALA A 54 4.12 -8.51 -24.46
CA ALA A 54 3.22 -8.03 -23.43
C ALA A 54 2.21 -7.16 -24.17
N VAL A 55 0.94 -7.49 -24.01
CA VAL A 55 -0.13 -6.81 -24.71
C VAL A 55 -1.05 -6.07 -23.75
N LYS A 56 -1.17 -4.74 -23.94
CA LYS A 56 -2.02 -3.86 -23.15
C LYS A 56 -3.27 -3.49 -23.98
N ALA A 57 -4.46 -3.88 -23.51
CA ALA A 57 -5.74 -3.61 -24.19
C ALA A 57 -6.42 -2.36 -23.63
N LEU A 58 -6.75 -1.36 -24.47
CA LEU A 58 -7.45 -0.12 -24.07
C LEU A 58 -8.95 -0.36 -23.68
N LYS A 59 -9.40 0.19 -22.52
CA LYS A 59 -10.73 -0.04 -21.90
C LYS A 59 -11.86 0.65 -22.54
N GLU A 60 -11.65 1.91 -22.91
CA GLU A 60 -12.75 2.71 -23.39
C GLU A 60 -12.59 3.28 -24.79
N ALA A 61 -13.74 3.47 -25.45
CA ALA A 61 -13.81 4.10 -26.77
C ALA A 61 -13.82 5.62 -26.55
N SER A 62 -14.47 6.41 -27.46
CA SER A 62 -14.63 7.88 -27.47
C SER A 62 -13.35 8.51 -27.93
N GLU A 63 -13.45 9.43 -28.93
CA GLU A 63 -12.32 10.17 -29.47
C GLU A 63 -11.40 10.71 -28.36
N SER A 64 -11.91 10.96 -27.12
CA SER A 64 -11.09 11.35 -25.96
C SER A 64 -9.88 10.37 -25.82
N ALA A 65 -10.20 9.06 -25.66
CA ALA A 65 -9.23 7.96 -25.53
C ALA A 65 -8.62 7.63 -26.87
N ARG A 66 -9.43 7.31 -27.91
CA ARG A 66 -8.93 7.03 -29.26
C ARG A 66 -7.84 8.04 -29.72
N GLN A 67 -8.00 9.35 -29.39
CA GLN A 67 -7.03 10.42 -29.67
C GLN A 67 -5.77 10.30 -28.80
N ASP A 68 -5.96 10.06 -27.47
CA ASP A 68 -4.91 9.87 -26.46
C ASP A 68 -4.04 8.66 -26.82
N PHE A 69 -4.69 7.52 -27.21
CA PHE A 69 -4.09 6.23 -27.60
C PHE A 69 -3.13 6.47 -28.73
N GLN A 70 -3.59 7.21 -29.76
CA GLN A 70 -2.80 7.54 -30.92
C GLN A 70 -1.57 8.37 -30.56
N ARG A 71 -1.71 9.37 -29.69
CA ARG A 71 -0.55 10.17 -29.31
C ARG A 71 0.46 9.37 -28.48
N GLU A 72 -0.04 8.56 -27.50
CA GLU A 72 0.77 7.67 -26.64
C GLU A 72 1.58 6.73 -27.54
N ALA A 73 0.90 6.08 -28.52
CA ALA A 73 1.53 5.17 -29.49
C ALA A 73 2.63 5.84 -30.31
N GLU A 74 2.38 7.06 -30.82
CA GLU A 74 3.32 7.85 -31.62
C GLU A 74 4.60 8.17 -30.86
N LEU A 75 4.44 8.58 -29.58
CA LEU A 75 5.54 8.93 -28.68
C LEU A 75 6.33 7.68 -28.35
N LEU A 76 5.64 6.57 -28.10
CA LEU A 76 6.30 5.30 -27.79
C LEU A 76 7.16 4.77 -28.96
N THR A 77 6.68 4.87 -30.24
CA THR A 77 7.45 4.47 -31.41
C THR A 77 8.75 5.26 -31.47
N MET A 78 8.77 6.44 -30.87
CA MET A 78 9.93 7.33 -30.87
C MET A 78 10.95 6.92 -29.80
N LEU A 79 10.47 6.33 -28.69
CA LEU A 79 11.31 5.95 -27.54
C LEU A 79 11.89 4.58 -27.76
N GLN A 80 13.06 4.51 -28.40
CA GLN A 80 13.63 3.20 -28.67
C GLN A 80 15.12 3.19 -28.30
N HIS A 81 15.42 2.42 -27.19
CA HIS A 81 16.73 2.27 -26.57
C HIS A 81 16.78 0.93 -25.80
N GLN A 82 18.02 0.41 -25.54
CA GLN A 82 18.30 -0.86 -24.84
C GLN A 82 17.74 -0.84 -23.43
N HIS A 83 17.66 0.37 -22.82
CA HIS A 83 17.20 0.46 -21.45
C HIS A 83 15.83 1.17 -21.31
N ILE A 84 15.03 1.11 -22.38
CA ILE A 84 13.65 1.60 -22.40
C ILE A 84 12.79 0.44 -22.91
N VAL A 85 11.74 0.11 -22.17
CA VAL A 85 10.80 -0.95 -22.52
C VAL A 85 10.32 -0.71 -23.96
N ARG A 86 10.65 -1.64 -24.89
CA ARG A 86 10.31 -1.53 -26.31
C ARG A 86 8.85 -1.67 -26.60
N PHE A 87 8.36 -0.74 -27.43
CA PHE A 87 7.02 -0.72 -27.98
C PHE A 87 7.15 -1.23 -29.43
N PHE A 88 6.29 -2.17 -29.81
CA PHE A 88 6.32 -2.83 -31.11
C PHE A 88 5.34 -2.27 -32.13
N GLY A 89 4.16 -1.89 -31.65
CA GLY A 89 3.09 -1.33 -32.46
C GLY A 89 1.72 -1.53 -31.84
N VAL A 90 0.67 -1.22 -32.63
CA VAL A 90 -0.75 -1.25 -32.22
C VAL A 90 -1.60 -2.20 -33.08
N CYS A 91 -2.83 -2.47 -32.63
CA CYS A 91 -3.80 -3.24 -33.39
C CYS A 91 -5.13 -2.53 -33.29
N THR A 92 -5.66 -2.10 -34.45
CA THR A 92 -6.87 -1.29 -34.62
C THR A 92 -8.05 -2.11 -35.19
N GLU A 93 -7.78 -3.28 -35.80
CA GLU A 93 -8.77 -4.22 -36.36
C GLU A 93 -9.70 -4.68 -35.24
N GLY A 94 -10.85 -4.03 -35.16
CA GLY A 94 -11.86 -4.34 -34.15
C GLY A 94 -11.50 -3.80 -32.77
N ARG A 95 -12.31 -4.18 -31.76
CA ARG A 95 -12.17 -3.73 -30.38
C ARG A 95 -11.95 -4.90 -29.40
N PRO A 96 -11.11 -4.74 -28.35
CA PRO A 96 -10.40 -3.51 -27.93
C PRO A 96 -9.15 -3.18 -28.72
N LEU A 97 -8.66 -1.95 -28.60
CA LEU A 97 -7.43 -1.53 -29.26
C LEU A 97 -6.29 -2.05 -28.43
N LEU A 98 -5.27 -2.64 -29.08
CA LEU A 98 -4.14 -3.23 -28.38
C LEU A 98 -2.86 -2.45 -28.59
N MET A 99 -2.03 -2.46 -27.57
CA MET A 99 -0.69 -1.90 -27.57
C MET A 99 0.24 -3.09 -27.26
N VAL A 100 1.25 -3.33 -28.13
CA VAL A 100 2.18 -4.46 -28.05
C VAL A 100 3.55 -4.00 -27.62
N PHE A 101 4.06 -4.61 -26.53
CA PHE A 101 5.37 -4.30 -25.91
C PHE A 101 6.24 -5.53 -25.78
N GLU A 102 7.57 -5.33 -25.64
CA GLU A 102 8.56 -6.38 -25.42
C GLU A 102 8.33 -7.09 -24.10
N TYR A 103 8.40 -8.44 -24.08
CA TYR A 103 8.21 -9.22 -22.84
C TYR A 103 9.48 -9.22 -21.96
N MET A 104 9.29 -8.79 -20.72
CA MET A 104 10.32 -8.69 -19.70
C MET A 104 9.92 -9.78 -18.67
N ARG A 105 10.53 -11.00 -18.80
CA ARG A 105 10.15 -12.21 -18.06
C ARG A 105 10.23 -12.11 -16.51
N HIS A 106 11.13 -11.29 -15.97
CA HIS A 106 11.28 -11.21 -14.52
C HIS A 106 10.41 -10.15 -13.80
N GLY A 107 9.52 -9.50 -14.54
CA GLY A 107 8.60 -8.49 -14.00
C GLY A 107 9.26 -7.19 -13.62
N ASP A 108 8.61 -6.43 -12.71
CA ASP A 108 9.16 -5.15 -12.28
C ASP A 108 10.36 -5.30 -11.34
N LEU A 109 11.25 -4.29 -11.41
CA LEU A 109 12.47 -4.19 -10.62
C LEU A 109 12.23 -4.17 -9.10
N ASN A 110 11.07 -3.65 -8.64
CA ASN A 110 10.82 -3.58 -7.22
C ASN A 110 10.71 -4.98 -6.62
N ARG A 111 9.78 -5.82 -7.14
CA ARG A 111 9.61 -7.20 -6.68
C ARG A 111 10.96 -7.92 -6.80
N PHE A 112 11.62 -7.76 -7.97
CA PHE A 112 12.92 -8.38 -8.24
C PHE A 112 13.92 -8.08 -7.14
N LEU A 113 14.07 -6.80 -6.73
CA LEU A 113 14.97 -6.34 -5.68
C LEU A 113 14.60 -6.95 -4.33
N ARG A 114 13.28 -6.99 -4.04
CA ARG A 114 12.74 -7.54 -2.80
C ARG A 114 13.08 -9.02 -2.70
N SER A 115 12.85 -9.78 -3.79
CA SER A 115 13.08 -11.21 -3.92
C SER A 115 14.57 -11.61 -4.04
N HIS A 116 15.45 -10.63 -4.20
CA HIS A 116 16.88 -10.92 -4.29
C HIS A 116 17.64 -10.17 -3.20
N GLY A 117 16.90 -9.85 -2.15
CA GLY A 117 17.35 -9.11 -0.97
C GLY A 117 17.36 -9.91 0.31
N PRO A 118 17.97 -9.34 1.39
CA PRO A 118 18.10 -10.06 2.66
C PRO A 118 16.80 -10.47 3.33
N ASP A 119 15.73 -9.71 3.11
CA ASP A 119 14.45 -10.02 3.71
C ASP A 119 13.60 -10.92 2.80
N ALA A 120 14.17 -11.46 1.70
CA ALA A 120 13.46 -12.32 0.73
C ALA A 120 12.62 -13.42 1.37
N LYS A 121 13.21 -14.20 2.32
CA LYS A 121 12.51 -15.28 3.04
C LYS A 121 11.32 -14.74 3.84
N LEU A 122 11.42 -13.50 4.35
CA LEU A 122 10.34 -12.85 5.10
C LEU A 122 9.19 -12.46 4.13
N LEU A 123 9.53 -12.15 2.86
CA LEU A 123 8.54 -11.73 1.85
C LEU A 123 7.97 -12.94 1.10
N ALA A 124 8.54 -14.15 1.38
CA ALA A 124 8.09 -15.42 0.84
C ALA A 124 8.37 -16.68 1.68
N GLY A 125 7.27 -17.18 2.23
CA GLY A 125 7.07 -18.51 2.75
C GLY A 125 6.66 -19.08 1.41
N GLY A 126 5.99 -18.16 0.65
CA GLY A 126 5.43 -18.25 -0.69
C GLY A 126 6.14 -19.24 -1.58
N GLU A 127 7.17 -18.82 -2.37
CA GLU A 127 7.88 -19.83 -3.20
C GLU A 127 8.86 -20.60 -2.30
N ASP A 128 9.78 -19.80 -1.74
CA ASP A 128 11.02 -19.93 -0.96
C ASP A 128 12.00 -19.44 -2.03
N GLY A 132 19.85 -15.84 -2.32
CA GLY A 132 21.14 -15.20 -2.52
C GLY A 132 20.99 -13.70 -2.73
N PRO A 133 21.60 -12.84 -1.88
CA PRO A 133 21.42 -11.39 -2.08
C PRO A 133 22.26 -10.85 -3.25
N LEU A 134 21.64 -10.00 -4.11
CA LEU A 134 22.36 -9.40 -5.24
C LEU A 134 23.59 -8.70 -4.70
N GLY A 135 24.74 -9.00 -5.27
CA GLY A 135 26.00 -8.43 -4.82
C GLY A 135 26.16 -6.98 -5.23
N LEU A 136 27.24 -6.34 -4.73
CA LEU A 136 27.56 -4.93 -5.02
C LEU A 136 27.60 -4.64 -6.54
N GLY A 137 28.29 -5.51 -7.30
CA GLY A 137 28.40 -5.40 -8.75
C GLY A 137 27.04 -5.57 -9.40
N GLN A 138 26.27 -6.58 -8.94
CA GLN A 138 24.94 -6.85 -9.45
C GLN A 138 24.07 -5.63 -9.22
N LEU A 139 24.13 -4.99 -8.03
CA LEU A 139 23.35 -3.77 -7.72
C LEU A 139 23.78 -2.60 -8.62
N LEU A 140 25.11 -2.43 -8.79
CA LEU A 140 25.67 -1.38 -9.62
C LEU A 140 25.33 -1.55 -11.09
N ALA A 141 25.17 -2.82 -11.57
CA ALA A 141 24.77 -3.10 -12.95
C ALA A 141 23.37 -2.56 -13.18
N VAL A 142 22.42 -2.92 -12.29
CA VAL A 142 21.04 -2.42 -12.28
C VAL A 142 21.05 -0.87 -12.30
N ALA A 143 21.75 -0.27 -11.33
CA ALA A 143 21.89 1.18 -11.17
C ALA A 143 22.38 1.86 -12.43
N SER A 144 23.40 1.25 -13.11
CA SER A 144 24.00 1.76 -14.34
C SER A 144 23.05 1.65 -15.52
N GLN A 145 22.36 0.49 -15.63
CA GLN A 145 21.34 0.24 -16.66
C GLN A 145 20.23 1.29 -16.57
N VAL A 146 19.67 1.56 -15.37
CA VAL A 146 18.63 2.59 -15.21
C VAL A 146 19.15 3.97 -15.63
N ALA A 147 20.31 4.41 -15.10
CA ALA A 147 20.91 5.70 -15.45
C ALA A 147 21.05 5.89 -16.97
N ALA A 148 21.40 4.79 -17.70
CA ALA A 148 21.55 4.72 -19.17
C ALA A 148 20.25 5.09 -19.88
N GLY A 149 19.13 4.54 -19.39
CA GLY A 149 17.80 4.88 -19.86
C GLY A 149 17.46 6.34 -19.65
N MET A 150 17.90 6.91 -18.52
N MET A 150 17.83 6.97 -18.50
CA MET A 150 17.67 8.29 -18.13
CA MET A 150 17.49 8.41 -18.36
C MET A 150 18.53 9.29 -18.92
C MET A 150 18.46 9.29 -19.15
N VAL A 151 19.73 8.87 -19.36
CA VAL A 151 20.69 9.64 -20.19
C VAL A 151 20.02 9.77 -21.60
N TYR A 152 19.41 8.65 -22.08
CA TYR A 152 18.66 8.59 -23.33
C TYR A 152 17.51 9.56 -23.39
N LEU A 153 16.61 9.50 -22.36
CA LEU A 153 15.40 10.33 -22.27
C LEU A 153 15.75 11.80 -22.13
N ALA A 154 16.84 12.13 -21.40
CA ALA A 154 17.28 13.53 -21.24
C ALA A 154 17.76 14.09 -22.60
N GLY A 155 18.30 13.21 -23.45
CA GLY A 155 18.72 13.52 -24.82
C GLY A 155 17.56 13.89 -25.72
N LEU A 156 16.37 13.28 -25.49
CA LEU A 156 15.12 13.56 -26.21
C LEU A 156 14.32 14.72 -25.59
N HIS A 157 14.78 15.29 -24.45
CA HIS A 157 14.09 16.33 -23.68
C HIS A 157 12.75 15.80 -23.18
N PHE A 158 12.75 14.52 -22.76
CA PHE A 158 11.62 13.76 -22.24
C PHE A 158 11.71 13.70 -20.72
N VAL A 159 10.64 14.14 -20.04
CA VAL A 159 10.54 14.09 -18.58
C VAL A 159 9.58 12.96 -18.20
N HIS A 160 10.09 11.98 -17.42
CA HIS A 160 9.34 10.79 -16.99
C HIS A 160 8.26 11.12 -15.95
N ARG A 161 8.62 11.93 -14.93
CA ARG A 161 7.75 12.36 -13.83
C ARG A 161 7.44 11.23 -12.83
N ASP A 162 7.72 9.95 -13.17
CA ASP A 162 7.44 8.83 -12.26
C ASP A 162 8.53 7.77 -12.24
N LEU A 163 9.78 8.19 -12.14
CA LEU A 163 10.86 7.22 -12.13
C LEU A 163 10.98 6.57 -10.76
N ALA A 164 10.68 5.27 -10.72
CA ALA A 164 10.71 4.40 -9.54
C ALA A 164 11.02 2.98 -10.01
N THR A 165 11.60 2.14 -9.13
CA THR A 165 11.89 0.74 -9.47
C THR A 165 10.60 -0.02 -9.86
N ARG A 166 9.41 0.40 -9.33
CA ARG A 166 8.12 -0.19 -9.66
C ARG A 166 7.83 0.00 -11.15
N ASN A 167 8.38 1.07 -11.75
CA ASN A 167 8.23 1.38 -13.15
C ASN A 167 9.38 0.87 -14.04
N CYS A 168 10.41 0.24 -13.45
CA CYS A 168 11.49 -0.40 -14.20
C CYS A 168 11.18 -1.91 -14.33
N LEU A 169 11.62 -2.55 -15.43
CA LEU A 169 11.39 -3.98 -15.64
C LEU A 169 12.67 -4.78 -15.82
N VAL A 170 12.64 -6.04 -15.41
CA VAL A 170 13.77 -6.98 -15.48
C VAL A 170 13.48 -8.07 -16.49
N GLY A 171 14.42 -8.33 -17.37
CA GLY A 171 14.24 -9.37 -18.36
C GLY A 171 15.38 -10.35 -18.48
N GLN A 172 15.39 -11.05 -19.62
CA GLN A 172 16.36 -12.07 -20.02
C GLN A 172 17.81 -11.73 -19.55
N GLY A 173 18.18 -12.31 -18.42
CA GLY A 173 19.51 -12.20 -17.83
C GLY A 173 19.89 -10.87 -17.23
N LEU A 174 19.17 -10.47 -16.13
CA LEU A 174 19.40 -9.22 -15.38
C LEU A 174 19.57 -7.99 -16.33
N VAL A 175 18.58 -7.84 -17.25
CA VAL A 175 18.53 -6.70 -18.14
C VAL A 175 17.42 -5.78 -17.61
N VAL A 176 17.82 -4.59 -17.21
CA VAL A 176 16.91 -3.61 -16.62
C VAL A 176 16.55 -2.52 -17.63
N LYS A 177 15.23 -2.31 -17.84
CA LYS A 177 14.69 -1.31 -18.74
C LYS A 177 13.62 -0.43 -18.04
N ILE A 178 13.64 0.90 -18.29
CA ILE A 178 12.68 1.86 -17.75
C ILE A 178 11.39 1.85 -18.58
N GLY A 179 10.27 1.70 -17.90
CA GLY A 179 8.94 1.74 -18.48
C GLY A 179 8.07 2.64 -17.65
N ASP A 180 6.73 2.39 -17.65
CA ASP A 180 5.69 3.12 -16.90
C ASP A 180 4.39 2.30 -16.84
N PHE A 181 3.98 1.97 -15.62
CA PHE A 181 2.74 1.25 -15.39
C PHE A 181 1.55 2.23 -15.28
N GLY A 182 1.81 3.54 -15.42
CA GLY A 182 0.79 4.58 -15.30
C GLY A 182 0.59 5.04 -13.87
N LEU A 201 0.19 10.32 -7.04
CA LEU A 201 1.29 11.27 -6.88
C LEU A 201 2.52 10.64 -6.19
N PRO A 202 3.65 10.42 -6.92
CA PRO A 202 4.83 9.77 -6.30
C PRO A 202 5.67 10.69 -5.42
N ILE A 203 5.03 11.30 -4.42
CA ILE A 203 5.56 12.29 -3.51
C ILE A 203 6.92 11.91 -2.88
N ARG A 204 7.12 10.62 -2.57
CA ARG A 204 8.33 10.10 -1.96
C ARG A 204 9.55 10.15 -2.90
N TRP A 205 9.31 10.14 -4.22
CA TRP A 205 10.39 10.21 -5.21
C TRP A 205 10.57 11.62 -5.76
N MET A 206 9.69 12.56 -5.36
CA MET A 206 9.70 13.94 -5.83
C MET A 206 10.62 14.95 -5.11
N PRO A 207 11.27 15.87 -5.88
CA PRO A 207 12.06 16.95 -5.25
C PRO A 207 11.10 18.03 -4.68
N PRO A 208 11.55 18.98 -3.83
CA PRO A 208 10.59 19.95 -3.26
C PRO A 208 9.89 20.87 -4.30
N GLU A 209 10.57 21.22 -5.41
CA GLU A 209 9.95 22.08 -6.45
C GLU A 209 8.82 21.37 -7.16
N SER A 210 8.81 20.02 -7.14
CA SER A 210 7.79 19.23 -7.82
C SER A 210 6.61 19.04 -6.92
N ILE A 211 6.88 18.95 -5.61
CA ILE A 211 5.79 18.80 -4.66
C ILE A 211 5.02 20.10 -4.59
N LEU A 212 5.71 21.19 -4.23
CA LEU A 212 5.14 22.51 -4.01
C LEU A 212 4.65 23.22 -5.25
N TYR A 213 5.43 23.18 -6.32
CA TYR A 213 5.13 23.98 -7.50
C TYR A 213 4.77 23.17 -8.76
N ARG A 214 4.74 21.82 -8.65
CA ARG A 214 4.36 20.93 -9.76
C ARG A 214 5.25 21.12 -11.00
N LYS A 215 6.52 21.50 -10.73
CA LYS A 215 7.53 21.74 -11.75
C LYS A 215 8.34 20.46 -11.94
N PHE A 216 8.21 19.85 -13.14
CA PHE A 216 8.89 18.60 -13.52
C PHE A 216 9.82 18.83 -14.69
N THR A 217 11.10 18.63 -14.43
CA THR A 217 12.21 18.83 -15.35
C THR A 217 13.18 17.61 -15.33
N THR A 218 14.25 17.71 -16.12
CA THR A 218 15.33 16.73 -16.19
C THR A 218 15.95 16.62 -14.78
N GLU A 219 15.93 17.74 -14.04
CA GLU A 219 16.49 17.90 -12.71
C GLU A 219 15.61 17.22 -11.67
N SER A 220 14.27 17.21 -11.91
CA SER A 220 13.27 16.56 -11.06
C SER A 220 13.52 15.02 -11.17
N ASP A 221 13.72 14.53 -12.42
CA ASP A 221 14.02 13.16 -12.77
C ASP A 221 15.35 12.70 -12.22
N VAL A 222 16.37 13.61 -12.08
CA VAL A 222 17.65 13.12 -11.52
C VAL A 222 17.48 12.88 -10.00
N TRP A 223 16.67 13.72 -9.33
CA TRP A 223 16.35 13.55 -7.92
C TRP A 223 15.73 12.15 -7.78
N SER A 224 14.62 11.87 -8.55
CA SER A 224 13.91 10.58 -8.55
C SER A 224 14.90 9.45 -8.78
N PHE A 225 15.91 9.65 -9.69
CA PHE A 225 16.94 8.64 -9.89
C PHE A 225 17.69 8.34 -8.59
N GLY A 226 18.05 9.39 -7.83
CA GLY A 226 18.71 9.27 -6.54
C GLY A 226 17.90 8.45 -5.55
N VAL A 227 16.55 8.61 -5.59
CA VAL A 227 15.61 7.82 -4.79
C VAL A 227 15.65 6.38 -5.28
N VAL A 228 15.67 6.19 -6.63
CA VAL A 228 15.79 4.87 -7.26
C VAL A 228 17.09 4.18 -6.79
N LEU A 229 18.19 4.96 -6.67
CA LEU A 229 19.47 4.43 -6.23
C LEU A 229 19.33 3.89 -4.79
N TRP A 230 18.68 4.70 -3.92
CA TRP A 230 18.38 4.35 -2.54
C TRP A 230 17.55 3.05 -2.50
N GLU A 231 16.44 2.98 -3.26
CA GLU A 231 15.59 1.82 -3.43
C GLU A 231 16.43 0.58 -3.80
N ILE A 232 17.37 0.72 -4.78
CA ILE A 232 18.24 -0.38 -5.21
C ILE A 232 19.06 -0.90 -4.03
N PHE A 233 19.77 0.01 -3.32
CA PHE A 233 20.65 -0.34 -2.21
C PHE A 233 19.92 -0.72 -0.90
N THR A 234 18.56 -0.59 -0.85
CA THR A 234 17.77 -1.04 0.29
C THR A 234 17.02 -2.31 -0.10
N TYR A 235 17.22 -2.80 -1.35
CA TYR A 235 16.52 -3.96 -1.93
C TYR A 235 15.01 -3.78 -1.91
N GLY A 236 14.54 -2.67 -2.46
CA GLY A 236 13.12 -2.39 -2.63
C GLY A 236 12.36 -1.84 -1.45
N LYS A 237 13.07 -1.30 -0.44
CA LYS A 237 12.38 -0.72 0.71
C LYS A 237 11.64 0.58 0.34
N GLN A 238 10.58 0.91 1.09
CA GLN A 238 9.79 2.10 0.81
C GLN A 238 10.55 3.36 1.21
N PRO A 239 10.77 4.29 0.26
CA PRO A 239 11.44 5.56 0.63
C PRO A 239 10.60 6.24 1.69
N TRP A 240 11.22 6.69 2.79
CA TRP A 240 10.55 7.27 3.96
C TRP A 240 9.51 6.30 4.57
N TYR A 241 9.85 4.97 4.61
CA TYR A 241 8.98 3.92 5.14
C TYR A 241 8.47 4.16 6.50
N GLN A 242 9.27 4.83 7.31
CA GLN A 242 8.95 5.18 8.69
C GLN A 242 7.99 6.37 8.79
N LEU A 243 7.59 6.97 7.65
CA LEU A 243 6.72 8.13 7.61
C LEU A 243 5.48 7.99 6.80
N SER A 244 4.41 8.71 7.20
CA SER A 244 3.16 8.80 6.48
C SER A 244 3.42 9.70 5.27
N ASN A 245 2.44 9.89 4.37
CA ASN A 245 2.62 10.74 3.19
C ASN A 245 2.92 12.20 3.57
N THR A 246 2.17 12.71 4.56
CA THR A 246 2.34 14.08 5.05
C THR A 246 3.73 14.29 5.69
N GLU A 247 4.15 13.31 6.54
CA GLU A 247 5.44 13.31 7.21
C GLU A 247 6.54 13.35 6.18
N ALA A 248 6.39 12.57 5.08
CA ALA A 248 7.37 12.52 3.99
C ALA A 248 7.50 13.86 3.26
N ILE A 249 6.36 14.51 2.94
CA ILE A 249 6.37 15.82 2.27
C ILE A 249 7.13 16.81 3.13
N ASP A 250 6.80 16.82 4.45
CA ASP A 250 7.45 17.66 5.44
C ASP A 250 8.97 17.50 5.40
N CYS A 251 9.49 16.27 5.55
N CYS A 251 9.45 16.25 5.53
CA CYS A 251 10.94 16.02 5.54
CA CYS A 251 10.84 15.83 5.48
C CYS A 251 11.60 16.39 4.22
C CYS A 251 11.55 16.37 4.24
N ILE A 252 10.96 16.14 3.06
CA ILE A 252 11.50 16.50 1.74
C ILE A 252 11.71 18.04 1.59
N THR A 253 10.64 18.83 1.87
CA THR A 253 10.67 20.30 1.83
C THR A 253 11.54 20.89 2.96
N GLN A 254 11.62 20.20 4.13
CA GLN A 254 12.47 20.64 5.24
C GLN A 254 13.96 20.46 4.93
N GLY A 255 14.29 19.66 3.92
CA GLY A 255 15.67 19.43 3.51
C GLY A 255 16.28 18.13 4.00
N ARG A 256 15.49 17.27 4.65
CA ARG A 256 15.96 15.98 5.14
C ARG A 256 16.26 14.98 4.02
N GLU A 257 17.41 14.30 4.13
CA GLU A 257 17.88 13.33 3.13
C GLU A 257 17.71 11.93 3.68
N LEU A 258 17.42 10.95 2.80
CA LEU A 258 17.26 9.55 3.21
C LEU A 258 18.61 9.03 3.72
N GLU A 259 18.60 8.26 4.84
CA GLU A 259 19.83 7.71 5.41
C GLU A 259 20.49 6.69 4.48
N ARG A 260 21.85 6.71 4.42
CA ARG A 260 22.65 5.82 3.60
C ARG A 260 22.41 4.37 3.95
N PRO A 261 21.84 3.57 3.01
CA PRO A 261 21.61 2.13 3.29
C PRO A 261 22.87 1.36 3.74
N ARG A 262 22.68 0.26 4.52
CA ARG A 262 23.79 -0.58 5.04
C ARG A 262 24.61 -1.09 3.85
N ALA A 263 23.90 -1.56 2.79
CA ALA A 263 24.48 -2.13 1.59
C ALA A 263 25.20 -1.12 0.73
N CYS A 264 24.92 0.19 0.95
CA CYS A 264 25.46 1.28 0.16
C CYS A 264 26.82 1.80 0.60
N PRO A 265 27.87 1.66 -0.26
CA PRO A 265 29.17 2.28 0.04
C PRO A 265 29.09 3.82 -0.01
N PRO A 266 29.98 4.56 0.72
CA PRO A 266 29.93 6.04 0.68
C PRO A 266 30.04 6.65 -0.73
N GLU A 267 30.79 5.97 -1.60
CA GLU A 267 31.00 6.33 -3.01
C GLU A 267 29.67 6.40 -3.78
N VAL A 268 28.76 5.40 -3.54
CA VAL A 268 27.44 5.37 -4.16
C VAL A 268 26.55 6.42 -3.47
N TYR A 269 26.67 6.56 -2.13
CA TYR A 269 25.89 7.56 -1.39
C TYR A 269 26.15 8.97 -1.89
N ALA A 270 27.44 9.28 -2.22
CA ALA A 270 27.88 10.56 -2.77
C ALA A 270 27.11 10.95 -4.05
N ILE A 271 26.76 9.94 -4.88
CA ILE A 271 25.98 10.12 -6.11
C ILE A 271 24.53 10.52 -5.75
N MET A 272 23.89 9.78 -4.80
CA MET A 272 22.51 10.06 -4.34
C MET A 272 22.44 11.49 -3.85
N ARG A 273 23.44 11.89 -3.06
CA ARG A 273 23.52 13.24 -2.52
C ARG A 273 23.65 14.29 -3.63
N GLY A 274 24.35 13.92 -4.72
CA GLY A 274 24.51 14.75 -5.90
C GLY A 274 23.20 14.95 -6.65
N CYS A 275 22.31 13.94 -6.61
CA CYS A 275 20.97 13.98 -7.20
C CYS A 275 20.04 14.81 -6.32
N TRP A 276 20.26 14.80 -4.99
CA TRP A 276 19.38 15.46 -4.02
C TRP A 276 19.78 16.88 -3.67
N GLN A 277 20.65 17.52 -4.48
CA GLN A 277 21.06 18.91 -4.26
C GLN A 277 19.81 19.79 -4.31
N ARG A 278 19.55 20.58 -3.25
CA ARG A 278 18.34 21.41 -3.12
C ARG A 278 18.05 22.26 -4.36
N GLU A 279 19.09 22.93 -4.90
CA GLU A 279 18.97 23.78 -6.10
C GLU A 279 19.02 22.90 -7.37
N PRO A 280 17.94 22.87 -8.20
CA PRO A 280 17.96 22.00 -9.40
C PRO A 280 19.21 22.13 -10.27
N GLN A 281 19.66 23.38 -10.52
CA GLN A 281 20.84 23.71 -11.32
C GLN A 281 22.17 23.38 -10.60
N GLN A 282 22.09 22.77 -9.41
CA GLN A 282 23.24 22.31 -8.62
C GLN A 282 23.29 20.78 -8.59
N ARG A 283 22.21 20.12 -9.09
CA ARG A 283 22.12 18.65 -9.16
C ARG A 283 23.02 18.16 -10.24
N HIS A 284 23.70 17.04 -9.97
CA HIS A 284 24.63 16.33 -10.86
C HIS A 284 23.93 15.82 -12.11
N SER A 285 24.50 16.11 -13.30
CA SER A 285 23.91 15.68 -14.59
C SER A 285 23.84 14.17 -14.70
N ILE A 286 22.78 13.65 -15.35
CA ILE A 286 22.61 12.20 -15.54
C ILE A 286 23.82 11.58 -16.35
N LYS A 287 24.44 12.34 -17.27
CA LYS A 287 25.63 11.91 -18.01
C LYS A 287 26.74 11.56 -17.01
N ASP A 288 27.03 12.49 -16.06
CA ASP A 288 28.02 12.33 -15.01
C ASP A 288 27.66 11.18 -14.08
N VAL A 289 26.36 11.03 -13.76
CA VAL A 289 25.84 9.97 -12.87
C VAL A 289 26.07 8.57 -13.47
N HIS A 290 25.63 8.35 -14.73
CA HIS A 290 25.81 7.09 -15.46
C HIS A 290 27.28 6.81 -15.64
N ALA A 291 28.08 7.85 -15.95
CA ALA A 291 29.53 7.73 -16.13
C ALA A 291 30.18 7.18 -14.85
N ARG A 292 29.88 7.83 -13.69
CA ARG A 292 30.36 7.44 -12.36
C ARG A 292 29.90 6.03 -12.00
N LEU A 293 28.62 5.70 -12.31
CA LEU A 293 28.02 4.41 -12.03
C LEU A 293 28.60 3.31 -12.86
N GLN A 294 28.90 3.55 -14.15
CA GLN A 294 29.51 2.55 -15.03
C GLN A 294 30.96 2.29 -14.62
N ALA A 295 31.64 3.30 -14.06
CA ALA A 295 33.02 3.22 -13.56
C ALA A 295 33.10 2.38 -12.29
N LEU A 296 32.14 2.59 -11.34
CA LEU A 296 32.07 1.83 -10.09
C LEU A 296 31.53 0.46 -10.41
N ALA A 297 30.53 0.39 -11.30
CA ALA A 297 29.96 -0.86 -11.78
C ALA A 297 31.08 -1.68 -12.39
N GLN A 298 32.07 -0.98 -13.03
CA GLN A 298 33.25 -1.58 -13.67
C GLN A 298 34.21 -2.15 -12.65
N ALA A 299 34.53 -1.36 -11.63
CA ALA A 299 35.40 -1.78 -10.54
C ALA A 299 34.68 -1.50 -9.20
N PRO A 300 33.83 -2.44 -8.64
CA PRO A 300 33.14 -2.18 -7.36
C PRO A 300 34.05 -1.60 -6.29
N PRO A 301 33.70 -0.51 -5.57
CA PRO A 301 34.67 0.05 -4.63
C PRO A 301 34.86 -0.85 -3.41
N VAL A 302 36.02 -0.69 -2.74
CA VAL A 302 36.30 -1.45 -1.53
C VAL A 302 35.33 -0.94 -0.46
N TYR A 303 34.41 -1.83 -0.02
CA TYR A 303 33.42 -1.51 1.00
C TYR A 303 33.16 -2.67 1.93
N LEU A 304 33.25 -2.39 3.26
CA LEU A 304 33.03 -3.38 4.31
C LEU A 304 32.11 -2.83 5.43
N ASP A 305 30.96 -3.53 5.67
CA ASP A 305 29.96 -3.21 6.69
C ASP A 305 30.43 -3.59 8.10
N LEU B 8 -13.74 -9.06 -3.62
CA LEU B 8 -13.83 -7.64 -3.31
C LEU B 8 -15.06 -6.98 -3.98
N VAL B 9 -15.71 -7.70 -4.93
CA VAL B 9 -16.89 -7.27 -5.71
C VAL B 9 -18.21 -7.51 -4.92
N PRO B 10 -19.01 -6.44 -4.61
CA PRO B 10 -20.27 -6.65 -3.89
C PRO B 10 -21.37 -7.21 -4.78
N ARG B 11 -22.04 -8.28 -4.29
CA ARG B 11 -23.12 -8.98 -4.99
C ARG B 11 -24.50 -8.31 -4.77
N GLY B 12 -24.68 -7.72 -3.58
CA GLY B 12 -25.91 -7.03 -3.20
C GLY B 12 -25.80 -5.52 -3.21
N SER B 13 -26.89 -4.85 -3.61
CA SER B 13 -27.00 -3.39 -3.69
C SER B 13 -27.10 -2.71 -2.32
N VAL B 14 -26.66 -1.44 -2.25
CA VAL B 14 -26.66 -0.61 -1.05
C VAL B 14 -28.10 -0.27 -0.63
N HIS B 15 -28.47 -0.56 0.62
CA HIS B 15 -29.80 -0.28 1.16
C HIS B 15 -30.04 1.20 1.35
N HIS B 16 -31.15 1.72 0.82
CA HIS B 16 -31.45 3.14 0.98
C HIS B 16 -32.56 3.33 1.99
N ILE B 17 -32.35 4.27 2.91
CA ILE B 17 -33.27 4.62 4.00
C ILE B 17 -33.92 5.97 3.66
N LYS B 18 -35.23 6.09 3.90
CA LYS B 18 -35.95 7.34 3.65
C LYS B 18 -35.65 8.31 4.79
N ARG B 19 -35.37 9.60 4.50
CA ARG B 19 -35.08 10.64 5.51
C ARG B 19 -36.18 10.76 6.60
N ARG B 20 -37.47 10.66 6.22
CA ARG B 20 -38.61 10.71 7.15
C ARG B 20 -38.48 9.66 8.27
N ASP B 21 -37.83 8.50 7.95
CA ASP B 21 -37.56 7.39 8.88
C ASP B 21 -36.36 7.67 9.83
N ILE B 22 -35.54 8.71 9.52
CA ILE B 22 -34.40 9.13 10.34
C ILE B 22 -34.77 10.37 11.19
N VAL B 23 -34.66 10.24 12.54
CA VAL B 23 -34.96 11.33 13.47
C VAL B 23 -33.72 11.54 14.33
N LEU B 24 -32.87 12.50 13.92
CA LEU B 24 -31.62 12.86 14.59
C LEU B 24 -31.91 13.49 15.94
N LYS B 25 -31.27 12.95 16.98
CA LYS B 25 -31.45 13.35 18.37
C LYS B 25 -30.38 14.34 18.85
N TRP B 26 -29.10 13.93 18.85
CA TRP B 26 -27.97 14.76 19.24
C TRP B 26 -26.67 14.21 18.71
N GLU B 27 -25.59 14.93 18.89
CA GLU B 27 -24.29 14.56 18.38
C GLU B 27 -23.39 13.93 19.42
N LEU B 28 -22.72 12.81 19.05
CA LEU B 28 -21.74 12.09 19.87
C LEU B 28 -20.31 12.50 19.44
N GLY B 29 -19.97 12.10 18.20
CA GLY B 29 -18.68 12.32 17.55
C GLY B 29 -18.57 13.61 16.76
N GLU B 30 -17.30 14.09 16.57
CA GLU B 30 -16.89 15.32 15.84
C GLU B 30 -15.92 14.97 14.67
N GLY B 34 -16.15 13.58 10.36
CA GLY B 34 -17.41 14.33 10.26
C GLY B 34 -18.31 14.20 11.49
N LYS B 35 -19.49 14.87 11.45
CA LYS B 35 -20.45 14.81 12.54
C LYS B 35 -21.17 13.46 12.58
N VAL B 36 -21.32 12.90 13.77
CA VAL B 36 -21.99 11.63 14.05
C VAL B 36 -23.19 11.95 14.96
N PHE B 37 -24.37 11.49 14.58
CA PHE B 37 -25.56 11.76 15.39
C PHE B 37 -26.19 10.49 15.93
N LEU B 38 -26.74 10.57 17.14
CA LEU B 38 -27.58 9.53 17.70
C LEU B 38 -28.91 9.81 17.07
N ALA B 39 -29.57 8.75 16.56
CA ALA B 39 -30.87 8.90 15.91
C ALA B 39 -31.78 7.69 16.09
N GLU B 40 -33.09 7.96 15.93
CA GLU B 40 -34.17 6.98 15.96
C GLU B 40 -34.44 6.58 14.52
N CYS B 41 -34.22 5.31 14.21
CA CYS B 41 -34.51 4.83 12.87
C CYS B 41 -35.78 4.00 12.82
N HIS B 42 -36.70 4.44 11.97
CA HIS B 42 -38.01 3.86 11.77
C HIS B 42 -38.01 2.89 10.59
N ASN B 43 -38.73 1.77 10.75
CA ASN B 43 -38.94 0.72 9.74
C ASN B 43 -37.63 0.14 9.16
N LEU B 44 -36.53 0.20 9.93
CA LEU B 44 -35.28 -0.37 9.47
C LEU B 44 -35.33 -1.88 9.75
N LEU B 45 -35.71 -2.25 10.98
CA LEU B 45 -35.90 -3.64 11.36
C LEU B 45 -37.39 -3.91 11.74
N PRO B 46 -37.97 -5.04 11.25
CA PRO B 46 -39.41 -5.30 11.47
C PRO B 46 -39.81 -5.49 12.92
N GLU B 47 -38.93 -6.18 13.67
CA GLU B 47 -39.06 -6.48 15.09
C GLU B 47 -39.06 -5.21 15.95
N GLN B 48 -38.20 -4.22 15.60
CA GLN B 48 -38.07 -2.97 16.35
C GLN B 48 -38.57 -1.77 15.53
N ASP B 49 -39.82 -1.36 15.79
CA ASP B 49 -40.49 -0.24 15.13
C ASP B 49 -39.63 1.02 15.04
N LYS B 50 -38.99 1.40 16.17
CA LYS B 50 -38.08 2.55 16.29
C LYS B 50 -36.86 2.17 17.11
N MET B 51 -35.75 1.89 16.40
CA MET B 51 -34.48 1.50 17.02
C MET B 51 -33.46 2.63 17.04
N LEU B 52 -32.38 2.47 17.84
CA LEU B 52 -31.32 3.48 17.93
C LEU B 52 -30.14 3.17 17.04
N VAL B 53 -29.76 4.19 16.27
CA VAL B 53 -28.63 4.12 15.33
C VAL B 53 -27.68 5.33 15.46
N ALA B 54 -26.50 5.18 14.84
CA ALA B 54 -25.47 6.23 14.71
C ALA B 54 -25.46 6.62 13.24
N VAL B 55 -25.71 7.90 12.98
CA VAL B 55 -25.79 8.48 11.63
C VAL B 55 -24.59 9.42 11.35
N LYS B 56 -23.65 8.98 10.47
CA LYS B 56 -22.50 9.77 10.00
C LYS B 56 -22.95 10.62 8.80
N ALA B 57 -22.87 11.95 8.93
CA ALA B 57 -23.23 12.90 7.87
C ALA B 57 -21.98 13.36 7.09
N LEU B 58 -21.96 13.13 5.76
CA LEU B 58 -20.84 13.48 4.87
C LEU B 58 -20.75 15.00 4.65
N LYS B 59 -19.56 15.55 4.95
CA LYS B 59 -19.22 16.98 4.89
C LYS B 59 -19.13 17.56 3.47
N GLU B 60 -18.38 16.88 2.58
CA GLU B 60 -18.14 17.34 1.21
C GLU B 60 -19.26 16.98 0.23
N ALA B 61 -19.19 17.54 -0.99
CA ALA B 61 -20.15 17.27 -2.08
C ALA B 61 -19.37 17.03 -3.38
N SER B 62 -18.03 17.32 -3.35
CA SER B 62 -17.10 17.17 -4.48
C SER B 62 -17.24 15.76 -4.99
N GLU B 63 -17.91 15.55 -6.15
CA GLU B 63 -18.23 14.28 -6.83
C GLU B 63 -17.28 13.11 -6.55
N SER B 64 -15.98 13.39 -6.32
CA SER B 64 -14.94 12.45 -5.88
C SER B 64 -15.31 11.82 -4.51
N ALA B 65 -15.73 12.65 -3.52
CA ALA B 65 -16.23 12.30 -2.19
C ALA B 65 -17.56 11.60 -2.41
N ARG B 66 -18.50 12.22 -3.17
CA ARG B 66 -19.82 11.68 -3.56
C ARG B 66 -19.66 10.26 -4.17
N GLN B 67 -18.47 10.00 -4.76
CA GLN B 67 -18.04 8.73 -5.34
C GLN B 67 -17.57 7.89 -4.18
N ASP B 68 -16.42 8.25 -3.55
CA ASP B 68 -15.79 7.62 -2.37
C ASP B 68 -16.84 7.03 -1.42
N PHE B 69 -17.89 7.83 -1.11
CA PHE B 69 -19.06 7.52 -0.29
C PHE B 69 -19.74 6.22 -0.74
N GLN B 70 -20.09 6.14 -2.04
CA GLN B 70 -20.68 4.98 -2.71
C GLN B 70 -19.74 3.78 -2.63
N ARG B 71 -18.40 3.92 -2.85
CA ARG B 71 -17.53 2.74 -2.73
C ARG B 71 -17.46 2.24 -1.30
N GLU B 72 -17.46 3.16 -0.32
CA GLU B 72 -17.47 2.84 1.12
C GLU B 72 -18.76 2.07 1.45
N ALA B 73 -19.93 2.68 1.12
CA ALA B 73 -21.25 2.08 1.29
C ALA B 73 -21.33 0.70 0.63
N GLU B 74 -20.77 0.54 -0.60
CA GLU B 74 -20.73 -0.74 -1.32
C GLU B 74 -19.96 -1.79 -0.48
N LEU B 75 -18.73 -1.44 -0.06
CA LEU B 75 -17.83 -2.27 0.74
C LEU B 75 -18.38 -2.66 2.11
N LEU B 76 -19.01 -1.71 2.82
CA LEU B 76 -19.57 -1.92 4.15
C LEU B 76 -20.78 -2.84 4.11
N THR B 77 -21.56 -2.80 3.00
CA THR B 77 -22.75 -3.64 2.79
C THR B 77 -22.36 -5.13 2.74
N MET B 78 -21.07 -5.44 2.52
CA MET B 78 -20.54 -6.81 2.50
C MET B 78 -20.05 -7.24 3.89
N LEU B 79 -19.74 -6.27 4.77
CA LEU B 79 -19.19 -6.55 6.09
C LEU B 79 -20.28 -6.64 7.14
N GLN B 80 -20.91 -7.82 7.20
CA GLN B 80 -21.99 -8.15 8.13
C GLN B 80 -21.63 -9.33 9.02
N HIS B 81 -21.41 -9.02 10.32
CA HIS B 81 -21.04 -9.96 11.36
C HIS B 81 -21.31 -9.39 12.76
N GLN B 82 -21.36 -10.28 13.76
CA GLN B 82 -21.61 -9.90 15.16
C GLN B 82 -20.40 -9.20 15.85
N HIS B 83 -19.24 -9.17 15.21
CA HIS B 83 -18.11 -8.48 15.81
C HIS B 83 -17.40 -7.49 14.84
N ILE B 84 -18.23 -6.93 13.92
CA ILE B 84 -17.92 -5.90 12.93
C ILE B 84 -19.07 -4.92 13.04
N VAL B 85 -18.76 -3.66 13.37
CA VAL B 85 -19.71 -2.56 13.51
C VAL B 85 -20.56 -2.62 12.27
N ARG B 86 -21.87 -2.81 12.46
CA ARG B 86 -22.81 -2.97 11.35
C ARG B 86 -23.19 -1.68 10.66
N PHE B 87 -23.14 -1.73 9.34
CA PHE B 87 -23.58 -0.66 8.47
C PHE B 87 -24.99 -1.06 7.98
N PHE B 88 -25.99 -0.17 8.16
CA PHE B 88 -27.38 -0.39 7.78
C PHE B 88 -27.80 0.12 6.40
N GLY B 89 -27.13 1.14 5.89
CA GLY B 89 -27.48 1.75 4.61
C GLY B 89 -27.27 3.26 4.59
N VAL B 90 -27.68 3.90 3.49
CA VAL B 90 -27.49 5.34 3.24
C VAL B 90 -28.78 6.11 3.03
N CYS B 91 -28.69 7.43 3.05
CA CYS B 91 -29.78 8.35 2.78
C CYS B 91 -29.24 9.35 1.76
N THR B 92 -29.97 9.51 0.65
CA THR B 92 -29.59 10.35 -0.48
C THR B 92 -30.62 11.46 -0.73
N GLU B 93 -31.87 11.31 -0.23
CA GLU B 93 -32.90 12.33 -0.40
C GLU B 93 -32.57 13.61 0.40
N GLY B 94 -31.96 14.56 -0.32
CA GLY B 94 -31.52 15.85 0.21
C GLY B 94 -30.08 15.82 0.68
N ARG B 95 -29.61 16.95 1.23
CA ARG B 95 -28.25 17.08 1.75
C ARG B 95 -28.23 17.43 3.26
N PRO B 96 -27.25 16.93 4.06
CA PRO B 96 -26.11 16.07 3.68
C PRO B 96 -26.48 14.61 3.48
N LEU B 97 -25.53 13.85 2.92
CA LEU B 97 -25.69 12.42 2.70
C LEU B 97 -25.38 11.75 4.01
N LEU B 98 -26.29 10.88 4.45
CA LEU B 98 -26.15 10.15 5.71
C LEU B 98 -25.74 8.68 5.50
N MET B 99 -24.95 8.14 6.43
CA MET B 99 -24.53 6.73 6.48
C MET B 99 -25.06 6.24 7.81
N VAL B 100 -25.83 5.14 7.83
CA VAL B 100 -26.46 4.64 9.06
C VAL B 100 -25.74 3.39 9.58
N PHE B 101 -25.36 3.42 10.87
CA PHE B 101 -24.62 2.37 11.56
C PHE B 101 -25.31 1.98 12.86
N GLU B 102 -25.00 0.77 13.36
CA GLU B 102 -25.49 0.29 14.64
C GLU B 102 -24.97 1.15 15.82
N TYR B 103 -25.84 1.49 16.78
CA TYR B 103 -25.43 2.31 17.93
C TYR B 103 -24.58 1.53 18.97
N MET B 104 -23.34 2.00 19.22
CA MET B 104 -22.39 1.48 20.21
C MET B 104 -22.30 2.60 21.26
N ARG B 105 -23.13 2.53 22.32
CA ARG B 105 -23.28 3.58 23.33
C ARG B 105 -22.01 3.98 24.10
N HIS B 106 -21.08 3.05 24.34
CA HIS B 106 -19.89 3.34 25.16
C HIS B 106 -18.64 3.89 24.40
N GLY B 107 -18.77 4.26 23.12
CA GLY B 107 -17.68 4.79 22.30
C GLY B 107 -16.61 3.77 22.01
N ASP B 108 -15.36 4.25 21.78
CA ASP B 108 -14.27 3.35 21.39
C ASP B 108 -13.67 2.59 22.54
N LEU B 109 -13.17 1.39 22.25
CA LEU B 109 -12.55 0.48 23.19
C LEU B 109 -11.33 1.05 23.88
N ASN B 110 -10.48 1.86 23.20
CA ASN B 110 -9.29 2.44 23.84
C ASN B 110 -9.66 3.33 25.06
N ARG B 111 -10.55 4.33 24.90
CA ARG B 111 -10.99 5.13 26.03
C ARG B 111 -11.64 4.21 27.05
N PHE B 112 -12.46 3.24 26.59
CA PHE B 112 -13.10 2.25 27.46
C PHE B 112 -12.10 1.53 28.38
N LEU B 113 -11.06 0.91 27.80
CA LEU B 113 -9.98 0.19 28.49
C LEU B 113 -9.27 1.09 29.46
N ARG B 114 -9.04 2.37 29.07
CA ARG B 114 -8.35 3.33 29.90
C ARG B 114 -9.16 3.71 31.16
N SER B 115 -10.44 4.04 30.97
CA SER B 115 -11.39 4.40 32.04
C SER B 115 -11.73 3.21 32.94
N HIS B 116 -11.68 1.96 32.42
CA HIS B 116 -12.00 0.74 33.16
C HIS B 116 -10.78 -0.07 33.59
N GLY B 117 -9.68 0.63 33.83
CA GLY B 117 -8.44 0.04 34.30
C GLY B 117 -7.73 0.96 35.26
N PRO B 118 -6.46 0.66 35.61
CA PRO B 118 -5.70 1.58 36.49
C PRO B 118 -5.40 2.85 35.71
N ASP B 119 -4.79 3.87 36.34
CA ASP B 119 -4.47 5.16 35.73
C ASP B 119 -5.72 6.03 35.46
N ALA B 120 -6.93 5.43 35.44
CA ALA B 120 -8.22 6.11 35.19
C ALA B 120 -8.45 7.30 36.13
N LYS B 121 -8.27 8.54 35.59
CA LYS B 121 -8.42 9.81 36.31
C LYS B 121 -8.74 10.95 35.35
N GLY B 132 -13.40 0.07 39.93
CA GLY B 132 -11.98 -0.01 39.57
C GLY B 132 -11.72 -0.69 38.23
N PRO B 133 -10.65 -1.52 38.12
CA PRO B 133 -10.33 -2.14 36.83
C PRO B 133 -11.11 -3.40 36.44
N LEU B 134 -11.09 -3.71 35.12
CA LEU B 134 -11.69 -4.87 34.48
C LEU B 134 -11.01 -6.14 34.97
N GLY B 135 -11.74 -7.25 34.96
CA GLY B 135 -11.21 -8.53 35.43
C GLY B 135 -10.67 -9.38 34.30
N LEU B 136 -9.92 -10.44 34.63
CA LEU B 136 -9.33 -11.36 33.66
C LEU B 136 -10.36 -11.91 32.67
N GLY B 137 -11.51 -12.35 33.20
CA GLY B 137 -12.62 -12.85 32.40
C GLY B 137 -13.16 -11.77 31.48
N GLN B 138 -13.33 -10.54 32.02
CA GLN B 138 -13.80 -9.36 31.27
C GLN B 138 -12.85 -9.07 30.10
N LEU B 139 -11.51 -9.02 30.37
CA LEU B 139 -10.48 -8.78 29.34
C LEU B 139 -10.52 -9.87 28.28
N LEU B 140 -10.61 -11.15 28.68
CA LEU B 140 -10.67 -12.27 27.74
C LEU B 140 -11.92 -12.28 26.83
N ALA B 141 -13.04 -11.72 27.32
CA ALA B 141 -14.29 -11.62 26.55
C ALA B 141 -14.06 -10.63 25.41
N VAL B 142 -13.45 -9.45 25.74
CA VAL B 142 -13.07 -8.37 24.81
C VAL B 142 -12.11 -8.99 23.77
N ALA B 143 -11.00 -9.60 24.24
CA ALA B 143 -9.99 -10.26 23.42
C ALA B 143 -10.59 -11.30 22.46
N SER B 144 -11.56 -12.10 22.94
CA SER B 144 -12.21 -13.12 22.12
C SER B 144 -13.15 -12.47 21.11
N GLN B 145 -13.89 -11.41 21.52
CA GLN B 145 -14.83 -10.72 20.64
C GLN B 145 -14.13 -10.11 19.41
N VAL B 146 -12.93 -9.50 19.59
CA VAL B 146 -12.14 -8.92 18.50
C VAL B 146 -11.62 -10.04 17.59
N ALA B 147 -11.00 -11.10 18.17
CA ALA B 147 -10.46 -12.24 17.40
C ALA B 147 -11.53 -12.80 16.46
N ALA B 148 -12.80 -12.86 16.98
CA ALA B 148 -13.98 -13.33 16.27
C ALA B 148 -14.14 -12.51 15.02
N GLY B 149 -14.19 -11.18 15.17
CA GLY B 149 -14.29 -10.23 14.06
C GLY B 149 -13.25 -10.45 12.98
N MET B 150 -12.00 -10.71 13.42
N MET B 150 -11.95 -10.66 13.36
CA MET B 150 -10.82 -10.95 12.60
CA MET B 150 -10.94 -10.90 12.32
C MET B 150 -10.89 -12.29 11.86
C MET B 150 -11.07 -12.29 11.70
N VAL B 151 -11.54 -13.30 12.47
CA VAL B 151 -11.78 -14.66 11.91
C VAL B 151 -12.77 -14.49 10.73
N TYR B 152 -13.82 -13.68 10.97
CA TYR B 152 -14.78 -13.35 9.94
C TYR B 152 -14.09 -12.72 8.72
N LEU B 153 -13.37 -11.57 8.93
CA LEU B 153 -12.67 -10.81 7.89
C LEU B 153 -11.68 -11.64 7.09
N ALA B 154 -10.92 -12.53 7.75
CA ALA B 154 -9.99 -13.43 7.07
C ALA B 154 -10.75 -14.35 6.11
N GLY B 155 -12.00 -14.69 6.47
CA GLY B 155 -12.90 -15.50 5.66
C GLY B 155 -13.23 -14.85 4.33
N LEU B 156 -13.43 -13.51 4.37
CA LEU B 156 -13.72 -12.69 3.20
C LEU B 156 -12.47 -12.24 2.44
N HIS B 157 -11.25 -12.64 2.92
CA HIS B 157 -9.94 -12.25 2.36
C HIS B 157 -9.80 -10.72 2.42
N PHE B 158 -10.23 -10.16 3.55
CA PHE B 158 -10.21 -8.75 3.81
C PHE B 158 -9.06 -8.45 4.77
N VAL B 159 -8.28 -7.42 4.45
CA VAL B 159 -7.19 -6.94 5.28
C VAL B 159 -7.63 -5.59 5.83
N HIS B 160 -7.58 -5.46 7.18
CA HIS B 160 -7.98 -4.26 7.89
C HIS B 160 -6.96 -3.13 7.67
N ARG B 161 -5.67 -3.45 7.91
CA ARG B 161 -4.49 -2.56 7.83
C ARG B 161 -4.37 -1.63 9.09
N ASP B 162 -5.48 -1.44 9.85
CA ASP B 162 -5.44 -0.60 11.03
C ASP B 162 -6.12 -1.23 12.26
N LEU B 163 -5.72 -2.46 12.58
CA LEU B 163 -6.36 -3.05 13.74
C LEU B 163 -5.69 -2.56 15.01
N ALA B 164 -6.47 -1.82 15.82
CA ALA B 164 -6.10 -1.19 17.08
C ALA B 164 -7.38 -0.95 17.91
N THR B 165 -7.25 -0.92 19.27
CA THR B 165 -8.39 -0.69 20.17
C THR B 165 -9.06 0.66 19.94
N ARG B 166 -8.35 1.62 19.34
CA ARG B 166 -8.91 2.94 19.03
C ARG B 166 -9.93 2.81 17.91
N ASN B 167 -9.89 1.66 17.20
CA ASN B 167 -10.75 1.28 16.08
C ASN B 167 -11.87 0.28 16.41
N CYS B 168 -11.93 -0.17 17.67
CA CYS B 168 -12.96 -1.05 18.13
C CYS B 168 -13.95 -0.21 18.91
N LEU B 169 -15.25 -0.57 18.81
CA LEU B 169 -16.30 0.13 19.55
C LEU B 169 -16.90 -0.74 20.64
N VAL B 170 -17.56 -0.12 21.62
CA VAL B 170 -18.15 -0.82 22.76
C VAL B 170 -19.57 -0.35 22.98
N GLY B 171 -20.49 -1.31 23.00
CA GLY B 171 -21.90 -1.04 23.30
C GLY B 171 -22.27 -1.67 24.63
N GLN B 172 -23.48 -1.37 25.14
CA GLN B 172 -24.05 -1.97 26.35
C GLN B 172 -23.94 -3.48 26.32
N GLY B 173 -23.78 -4.06 27.48
CA GLY B 173 -23.62 -5.49 27.59
C GLY B 173 -22.18 -5.90 27.39
N LEU B 174 -21.31 -4.90 27.07
CA LEU B 174 -19.88 -5.04 26.79
C LEU B 174 -19.69 -5.80 25.43
N VAL B 175 -20.45 -5.36 24.43
CA VAL B 175 -20.32 -5.97 23.12
C VAL B 175 -19.16 -5.21 22.45
N VAL B 176 -18.23 -5.96 21.86
CA VAL B 176 -17.08 -5.37 21.21
C VAL B 176 -17.05 -5.78 19.75
N LYS B 177 -17.28 -4.81 18.88
CA LYS B 177 -17.26 -4.98 17.42
C LYS B 177 -16.10 -4.11 16.84
N ILE B 178 -15.44 -4.63 15.79
CA ILE B 178 -14.37 -3.93 15.07
C ILE B 178 -14.96 -2.89 14.07
N GLY B 179 -14.29 -1.74 13.99
CA GLY B 179 -14.59 -0.65 13.06
C GLY B 179 -13.32 -0.08 12.46
N ASP B 180 -13.42 1.18 11.99
CA ASP B 180 -12.35 2.01 11.42
C ASP B 180 -12.84 3.45 11.30
N PHE B 181 -12.00 4.41 11.74
CA PHE B 181 -12.31 5.84 11.67
C PHE B 181 -11.42 6.57 10.65
N GLY B 182 -10.23 6.02 10.35
CA GLY B 182 -9.24 6.62 9.44
C GLY B 182 -7.88 6.95 10.03
N THR B 199 -3.11 12.46 8.94
CA THR B 199 -3.03 11.01 8.69
C THR B 199 -1.95 10.35 9.57
N MET B 200 -2.32 9.19 10.16
CA MET B 200 -1.50 8.45 11.10
C MET B 200 -1.06 7.06 10.64
N LEU B 201 0.28 6.83 10.54
CA LEU B 201 0.85 5.54 10.18
C LEU B 201 0.89 4.72 11.45
N PRO B 202 0.14 3.60 11.55
CA PRO B 202 0.13 2.83 12.81
C PRO B 202 1.33 1.94 13.00
N ILE B 203 2.52 2.55 12.95
CA ILE B 203 3.84 1.91 13.04
C ILE B 203 3.93 0.93 14.24
N ARG B 204 3.36 1.31 15.39
CA ARG B 204 3.46 0.53 16.62
C ARG B 204 2.74 -0.83 16.54
N TRP B 205 1.68 -0.91 15.72
CA TRP B 205 0.87 -2.12 15.51
C TRP B 205 1.35 -2.95 14.30
N MET B 206 2.30 -2.43 13.52
CA MET B 206 2.73 -3.06 12.28
C MET B 206 3.84 -4.08 12.38
N PRO B 207 3.76 -5.17 11.56
CA PRO B 207 4.87 -6.15 11.50
C PRO B 207 6.03 -5.59 10.66
N PRO B 208 7.24 -6.21 10.61
CA PRO B 208 8.34 -5.59 9.84
C PRO B 208 8.13 -5.44 8.33
N GLU B 209 7.43 -6.40 7.72
CA GLU B 209 7.14 -6.40 6.29
C GLU B 209 6.13 -5.33 5.91
N SER B 210 5.34 -4.80 6.88
CA SER B 210 4.37 -3.74 6.57
C SER B 210 5.03 -2.38 6.70
N ILE B 211 5.94 -2.24 7.66
CA ILE B 211 6.70 -1.01 7.87
C ILE B 211 7.65 -0.78 6.67
N LEU B 212 8.59 -1.70 6.44
CA LEU B 212 9.61 -1.60 5.40
C LEU B 212 9.10 -1.68 3.97
N TYR B 213 8.20 -2.62 3.70
CA TYR B 213 7.77 -2.91 2.34
C TYR B 213 6.30 -2.61 2.00
N ARG B 214 5.53 -2.08 2.97
CA ARG B 214 4.12 -1.73 2.76
C ARG B 214 3.25 -2.93 2.28
N LYS B 215 3.62 -4.14 2.72
CA LYS B 215 2.92 -5.38 2.42
C LYS B 215 1.90 -5.67 3.56
N PHE B 216 0.59 -5.52 3.25
CA PHE B 216 -0.50 -5.79 4.19
C PHE B 216 -1.28 -7.07 3.79
N THR B 217 -1.23 -8.07 4.68
CA THR B 217 -1.83 -9.40 4.51
C THR B 217 -2.69 -9.76 5.73
N THR B 218 -3.22 -10.99 5.74
CA THR B 218 -4.00 -11.57 6.85
C THR B 218 -3.04 -11.75 8.04
N GLU B 219 -1.76 -12.08 7.74
CA GLU B 219 -0.65 -12.28 8.68
C GLU B 219 -0.23 -10.93 9.30
N SER B 220 -0.28 -9.83 8.50
CA SER B 220 0.00 -8.47 8.98
C SER B 220 -1.06 -8.13 10.05
N ASP B 221 -2.32 -8.51 9.79
CA ASP B 221 -3.46 -8.29 10.68
C ASP B 221 -3.42 -9.14 11.95
N VAL B 222 -2.85 -10.38 11.89
CA VAL B 222 -2.75 -11.23 13.09
C VAL B 222 -1.67 -10.64 14.03
N TRP B 223 -0.62 -10.04 13.46
CA TRP B 223 0.40 -9.33 14.22
C TRP B 223 -0.27 -8.13 14.92
N SER B 224 -1.09 -7.34 14.19
CA SER B 224 -1.79 -6.21 14.77
C SER B 224 -2.71 -6.68 15.89
N PHE B 225 -3.31 -7.90 15.75
CA PHE B 225 -4.17 -8.46 16.78
C PHE B 225 -3.35 -8.75 18.04
N GLY B 226 -2.17 -9.35 17.88
CA GLY B 226 -1.25 -9.62 18.98
C GLY B 226 -0.95 -8.35 19.78
N VAL B 227 -0.84 -7.21 19.08
CA VAL B 227 -0.61 -5.89 19.66
C VAL B 227 -1.91 -5.42 20.34
N VAL B 228 -3.08 -5.73 19.75
CA VAL B 228 -4.41 -5.39 20.32
C VAL B 228 -4.60 -6.20 21.62
N LEU B 229 -4.08 -7.45 21.65
CA LEU B 229 -4.09 -8.28 22.84
C LEU B 229 -3.30 -7.59 23.90
N TRP B 230 -2.10 -7.11 23.56
CA TRP B 230 -1.22 -6.39 24.47
C TRP B 230 -1.90 -5.16 25.04
N GLU B 231 -2.49 -4.32 24.17
CA GLU B 231 -3.21 -3.09 24.51
C GLU B 231 -4.33 -3.40 25.50
N ILE B 232 -5.05 -4.54 25.30
CA ILE B 232 -6.16 -4.98 26.17
C ILE B 232 -5.60 -5.25 27.58
N PHE B 233 -4.55 -6.07 27.66
CA PHE B 233 -3.94 -6.47 28.91
C PHE B 233 -3.08 -5.36 29.57
N THR B 234 -2.97 -4.17 28.94
CA THR B 234 -2.29 -3.01 29.50
C THR B 234 -3.29 -1.87 29.67
N TYR B 235 -4.58 -2.18 29.45
CA TYR B 235 -5.70 -1.26 29.60
C TYR B 235 -5.56 0.03 28.74
N GLY B 236 -5.24 -0.18 27.45
CA GLY B 236 -5.10 0.85 26.43
C GLY B 236 -3.81 1.66 26.35
N LYS B 237 -2.71 1.16 26.93
CA LYS B 237 -1.41 1.83 26.87
C LYS B 237 -0.89 1.67 25.45
N GLN B 238 -0.29 2.73 24.85
CA GLN B 238 0.25 2.63 23.48
C GLN B 238 1.44 1.67 23.40
N PRO B 239 1.44 0.67 22.47
CA PRO B 239 2.60 -0.25 22.39
C PRO B 239 3.92 0.50 22.19
N TRP B 240 4.97 0.09 22.92
CA TRP B 240 6.28 0.74 22.91
C TRP B 240 6.18 2.20 23.41
N TYR B 241 5.33 2.46 24.43
CA TYR B 241 5.09 3.80 25.02
C TYR B 241 6.37 4.46 25.50
N GLN B 242 7.35 3.66 25.97
CA GLN B 242 8.66 4.07 26.47
C GLN B 242 9.68 4.41 25.34
N LEU B 243 9.24 4.34 24.07
CA LEU B 243 10.08 4.57 22.90
C LEU B 243 9.48 5.59 22.00
N SER B 244 10.34 6.36 21.30
CA SER B 244 9.96 7.32 20.25
C SER B 244 9.65 6.48 19.01
N ASN B 245 9.04 7.12 17.99
CA ASN B 245 8.70 6.41 16.76
C ASN B 245 9.91 5.66 16.15
N THR B 246 11.10 6.29 16.07
CA THR B 246 12.31 5.66 15.51
C THR B 246 12.74 4.46 16.33
N GLU B 247 12.69 4.61 17.65
CA GLU B 247 13.03 3.56 18.61
C GLU B 247 12.10 2.34 18.43
N ALA B 248 10.76 2.58 18.27
CA ALA B 248 9.77 1.53 18.04
C ALA B 248 10.02 0.77 16.72
N ILE B 249 10.25 1.49 15.57
CA ILE B 249 10.54 0.88 14.27
C ILE B 249 11.75 -0.04 14.41
N ASP B 250 12.83 0.49 15.03
CA ASP B 250 14.06 -0.25 15.26
C ASP B 250 13.83 -1.55 16.03
N CYS B 251 13.06 -1.52 17.12
N CYS B 251 13.04 -1.47 17.12
CA CYS B 251 12.80 -2.72 17.91
CA CYS B 251 12.65 -2.57 17.99
C CYS B 251 11.93 -3.73 17.19
C CYS B 251 11.96 -3.66 17.19
N ILE B 252 10.91 -3.28 16.41
CA ILE B 252 10.06 -4.16 15.57
C ILE B 252 10.87 -4.91 14.50
N THR B 253 11.69 -4.18 13.72
CA THR B 253 12.54 -4.76 12.67
C THR B 253 13.71 -5.60 13.24
N GLN B 254 14.20 -5.26 14.44
CA GLN B 254 15.30 -5.96 15.10
C GLN B 254 14.86 -7.32 15.64
N GLY B 255 13.54 -7.49 15.81
CA GLY B 255 12.94 -8.73 16.29
C GLY B 255 12.51 -8.71 17.75
N ARG B 256 12.56 -7.52 18.39
CA ARG B 256 12.19 -7.34 19.80
C ARG B 256 10.67 -7.42 20.01
N GLU B 257 10.26 -8.18 21.04
CA GLU B 257 8.86 -8.38 21.42
C GLU B 257 8.48 -7.51 22.62
N LEU B 258 7.21 -7.05 22.68
CA LEU B 258 6.70 -6.25 23.80
C LEU B 258 6.72 -7.11 25.08
N GLU B 259 7.01 -6.50 26.23
CA GLU B 259 7.05 -7.27 27.49
C GLU B 259 5.65 -7.68 27.95
N ARG B 260 5.53 -8.89 28.54
CA ARG B 260 4.28 -9.43 29.05
C ARG B 260 3.63 -8.50 30.10
N PRO B 261 2.42 -7.97 29.83
CA PRO B 261 1.77 -7.10 30.83
C PRO B 261 1.56 -7.78 32.19
N ARG B 262 1.52 -6.97 33.27
CA ARG B 262 1.31 -7.42 34.65
C ARG B 262 0.03 -8.25 34.74
N ALA B 263 -1.08 -7.69 34.20
CA ALA B 263 -2.40 -8.31 34.16
C ALA B 263 -2.48 -9.54 33.25
N CYS B 264 -1.47 -9.75 32.37
CA CYS B 264 -1.46 -10.86 31.41
C CYS B 264 -0.87 -12.18 31.92
N PRO B 265 -1.69 -13.25 31.90
CA PRO B 265 -1.18 -14.57 32.27
C PRO B 265 -0.29 -15.17 31.18
N PRO B 266 0.71 -16.03 31.53
CA PRO B 266 1.59 -16.62 30.50
C PRO B 266 0.87 -17.31 29.35
N GLU B 267 -0.26 -17.98 29.63
CA GLU B 267 -1.11 -18.70 28.66
C GLU B 267 -1.60 -17.76 27.56
N VAL B 268 -1.95 -16.51 27.96
CA VAL B 268 -2.41 -15.44 27.10
C VAL B 268 -1.24 -14.84 26.30
N TYR B 269 -0.07 -14.65 26.96
CA TYR B 269 1.14 -14.12 26.34
C TYR B 269 1.67 -15.06 25.26
N ALA B 270 1.49 -16.37 25.42
CA ALA B 270 1.90 -17.40 24.45
C ALA B 270 1.18 -17.21 23.12
N ILE B 271 -0.08 -16.69 23.18
CA ILE B 271 -0.92 -16.38 22.01
C ILE B 271 -0.31 -15.12 21.35
N MET B 272 0.00 -14.07 22.16
CA MET B 272 0.62 -12.81 21.71
C MET B 272 1.91 -13.11 20.93
N ARG B 273 2.74 -14.01 21.46
CA ARG B 273 3.99 -14.42 20.82
C ARG B 273 3.75 -15.19 19.53
N GLY B 274 2.63 -15.90 19.45
CA GLY B 274 2.25 -16.65 18.27
C GLY B 274 1.87 -15.77 17.08
N CYS B 275 1.42 -14.54 17.37
CA CYS B 275 1.02 -13.50 16.42
C CYS B 275 2.25 -12.76 15.91
N TRP B 276 3.35 -12.78 16.68
CA TRP B 276 4.55 -12.01 16.39
C TRP B 276 5.72 -12.77 15.79
N GLN B 277 5.51 -14.00 15.33
CA GLN B 277 6.60 -14.76 14.71
C GLN B 277 7.11 -13.94 13.50
N ARG B 278 8.45 -13.75 13.37
CA ARG B 278 9.06 -12.95 12.30
C ARG B 278 8.51 -13.30 10.90
N GLU B 279 8.61 -14.59 10.51
CA GLU B 279 8.13 -15.03 9.22
C GLU B 279 6.60 -15.14 9.18
N PRO B 280 5.92 -14.40 8.27
CA PRO B 280 4.44 -14.40 8.24
C PRO B 280 3.76 -15.76 8.25
N GLN B 281 4.28 -16.71 7.47
CA GLN B 281 3.74 -18.07 7.35
C GLN B 281 3.74 -18.82 8.71
N GLN B 282 4.69 -18.48 9.61
CA GLN B 282 4.88 -19.04 10.94
C GLN B 282 3.94 -18.46 12.00
N ARG B 283 3.23 -17.34 11.67
CA ARG B 283 2.28 -16.69 12.59
C ARG B 283 1.06 -17.58 12.77
N HIS B 284 0.56 -17.66 14.02
CA HIS B 284 -0.60 -18.46 14.41
C HIS B 284 -1.89 -17.96 13.76
N SER B 285 -2.65 -18.86 13.09
CA SER B 285 -3.91 -18.51 12.42
C SER B 285 -4.91 -17.90 13.38
N ILE B 286 -5.71 -16.96 12.89
CA ILE B 286 -6.72 -16.28 13.71
C ILE B 286 -7.78 -17.30 14.22
N LYS B 287 -8.06 -18.38 13.43
CA LYS B 287 -8.99 -19.45 13.81
C LYS B 287 -8.54 -20.06 15.14
N ASP B 288 -7.25 -20.50 15.21
CA ASP B 288 -6.61 -21.09 16.40
C ASP B 288 -6.55 -20.08 17.54
N VAL B 289 -6.31 -18.79 17.22
CA VAL B 289 -6.22 -17.68 18.19
C VAL B 289 -7.57 -17.44 18.89
N HIS B 290 -8.66 -17.31 18.11
CA HIS B 290 -10.02 -17.10 18.63
C HIS B 290 -10.47 -18.30 19.45
N ALA B 291 -10.16 -19.53 18.95
CA ALA B 291 -10.48 -20.81 19.59
C ALA B 291 -9.79 -20.89 20.95
N ARG B 292 -8.49 -20.54 21.00
CA ARG B 292 -7.71 -20.54 22.23
C ARG B 292 -8.26 -19.49 23.20
N LEU B 293 -8.63 -18.31 22.68
CA LEU B 293 -9.15 -17.23 23.52
C LEU B 293 -10.55 -17.50 24.08
N GLN B 294 -11.44 -18.14 23.29
CA GLN B 294 -12.79 -18.49 23.72
C GLN B 294 -12.71 -19.57 24.80
N ALA B 295 -11.73 -20.49 24.68
CA ALA B 295 -11.49 -21.55 25.66
C ALA B 295 -11.05 -20.95 27.00
N LEU B 296 -10.14 -19.96 26.97
CA LEU B 296 -9.66 -19.28 28.16
C LEU B 296 -10.74 -18.37 28.74
N ALA B 297 -11.55 -17.72 27.87
CA ALA B 297 -12.65 -16.83 28.28
C ALA B 297 -13.70 -17.59 29.06
N GLN B 298 -13.83 -18.90 28.74
CA GLN B 298 -14.73 -19.86 29.40
C GLN B 298 -14.13 -20.11 30.78
N ALA B 299 -13.29 -21.14 30.96
CA ALA B 299 -12.63 -21.40 32.23
C ALA B 299 -11.38 -20.51 32.26
N PRO B 300 -11.38 -19.34 32.97
CA PRO B 300 -10.16 -18.50 33.00
C PRO B 300 -8.96 -19.27 33.55
N PRO B 301 -7.70 -18.93 33.22
CA PRO B 301 -6.58 -19.72 33.77
C PRO B 301 -6.26 -19.29 35.20
N VAL B 302 -5.62 -20.20 35.94
CA VAL B 302 -5.20 -19.88 37.31
C VAL B 302 -3.96 -18.98 37.16
N TYR B 303 -4.12 -17.70 37.54
CA TYR B 303 -3.05 -16.71 37.46
C TYR B 303 -3.02 -15.81 38.70
N LEU B 304 -1.81 -15.61 39.27
CA LEU B 304 -1.59 -14.78 40.46
C LEU B 304 -0.33 -13.92 40.32
N ASP B 305 -0.52 -12.58 40.39
CA ASP B 305 0.54 -11.57 40.26
C ASP B 305 1.37 -11.47 41.53
#